data_2PUE
#
_entry.id   2PUE
#
_cell.length_a   175.810
_cell.length_b   95.170
_cell.length_c   81.310
_cell.angle_alpha   90.00
_cell.angle_beta   90.00
_cell.angle_gamma   90.00
#
_symmetry.space_group_name_H-M   'C 2 2 21'
#
loop_
_entity.id
_entity.type
_entity.pdbx_description
1 polymer "DNA (5'-D(*TP*AP*CP*GP*CP*AP*AP*AP*CP*GP*TP*TP*TP*GP*CP*GP*T )-3')"
2 polymer 'PROTEIN (PURINE REPRESSOR )'
3 non-polymer ADENINE
4 water water
#
loop_
_entity_poly.entity_id
_entity_poly.type
_entity_poly.pdbx_seq_one_letter_code
_entity_poly.pdbx_strand_id
1 'polydeoxyribonucleotide' (DT)(DA)(DC)(DG)(DC)(DA)(DA)(DA)(DC)(DG)(DT)(DT)(DT)(DG)(DC)(DG)(DT) B
2 'polypeptide(L)'
;ATIKDVAKRANVSTTTVSHVINKTRFVAEETRNAVWAAIKELHYSPSAVARSLKVNHTKSIGLLATSSEAAYFAEIIEAV
EKNCFQKGYTLILGNAWNNLEKQRAYLSMMAQKRVDGLLVMCSEYPEPLLAMLEEYRHIPMVVMDWGEAKADFTDAVIDN
AFEGGYMAGRYLIERGHREIGVIPGPLEQNTGAGRLAGFMKAMEEAMIKVPESWIVQGDFEPESGYRAMQQILSQPHRPT
AVFCGGDIMAMGALCAADEMGLRVPQDVSLIGYDNVRNARYFTPALTTIHQPKDSLGETAFNMLLDRIVNKREEPQSIEV
HPRLIERRSVADGPFRDYRR
;
A
#
# COMPACT_ATOMS: atom_id res chain seq x y z
N THR B 2 -10.80 -39.25 -3.97
CA THR B 2 -9.49 -39.67 -4.51
C THR B 2 -8.58 -40.13 -3.38
N ILE B 3 -8.82 -39.60 -2.17
CA ILE B 3 -8.08 -40.08 -1.01
C ILE B 3 -8.52 -41.55 -0.93
N LYS B 4 -9.81 -41.78 -1.21
CA LYS B 4 -10.41 -43.11 -1.25
C LYS B 4 -9.61 -44.00 -2.19
N ASP B 5 -9.10 -43.41 -3.24
CA ASP B 5 -8.34 -44.18 -4.19
C ASP B 5 -7.00 -44.52 -3.62
N VAL B 6 -6.50 -43.66 -2.75
CA VAL B 6 -5.19 -43.89 -2.17
C VAL B 6 -5.25 -44.94 -1.07
N ALA B 7 -6.21 -44.77 -0.15
CA ALA B 7 -6.38 -45.66 0.97
C ALA B 7 -6.42 -47.07 0.47
N LYS B 8 -7.06 -47.24 -0.69
CA LYS B 8 -7.19 -48.54 -1.33
C LYS B 8 -5.85 -49.13 -1.77
N ARG B 9 -5.07 -48.36 -2.52
CA ARG B 9 -3.78 -48.86 -2.98
C ARG B 9 -2.97 -49.33 -1.77
N ALA B 10 -2.97 -48.51 -0.73
CA ALA B 10 -2.25 -48.80 0.49
C ALA B 10 -2.94 -49.87 1.35
N ASN B 11 -4.20 -50.16 1.04
CA ASN B 11 -5.01 -51.08 1.81
C ASN B 11 -5.06 -50.68 3.26
N VAL B 12 -5.58 -49.48 3.47
CA VAL B 12 -5.77 -48.93 4.80
C VAL B 12 -6.91 -47.94 4.70
N SER B 13 -7.37 -47.49 5.85
CA SER B 13 -8.44 -46.53 5.94
C SER B 13 -7.98 -45.17 5.41
N THR B 14 -8.92 -44.42 4.86
CA THR B 14 -8.65 -43.10 4.36
C THR B 14 -8.27 -42.26 5.56
N THR B 15 -8.97 -42.47 6.68
CA THR B 15 -8.67 -41.78 7.93
C THR B 15 -7.16 -41.86 8.10
N THR B 16 -6.64 -43.07 7.98
CA THR B 16 -5.25 -43.28 8.09
C THR B 16 -4.53 -42.39 7.10
N VAL B 17 -4.91 -42.51 5.83
CA VAL B 17 -4.27 -41.70 4.78
C VAL B 17 -4.23 -40.26 5.24
N SER B 18 -5.34 -39.80 5.73
CA SER B 18 -5.43 -38.49 6.21
C SER B 18 -4.44 -38.22 7.28
N HIS B 19 -4.39 -39.11 8.26
CA HIS B 19 -3.50 -38.91 9.41
C HIS B 19 -2.04 -38.76 9.05
N VAL B 20 -1.58 -39.54 8.07
CA VAL B 20 -0.18 -39.47 7.69
C VAL B 20 0.09 -38.27 6.83
N ILE B 21 -0.93 -37.80 6.16
CA ILE B 21 -0.78 -36.67 5.32
C ILE B 21 -0.64 -35.45 6.21
N ASN B 22 -1.45 -35.40 7.24
CA ASN B 22 -1.41 -34.27 8.16
C ASN B 22 -0.63 -34.48 9.46
N LYS B 23 0.08 -35.61 9.61
CA LYS B 23 0.84 -35.91 10.84
C LYS B 23 -0.03 -35.57 12.07
N THR B 24 -1.28 -35.96 12.00
CA THR B 24 -2.22 -35.60 13.00
C THR B 24 -2.36 -36.65 14.13
N ARG B 25 -1.66 -37.76 13.98
CA ARG B 25 -1.59 -38.80 14.99
C ARG B 25 -0.57 -39.88 14.52
N PHE B 26 -0.09 -40.71 15.44
CA PHE B 26 0.95 -41.69 15.12
C PHE B 26 0.58 -42.81 14.14
N VAL B 27 1.51 -43.15 13.23
CA VAL B 27 1.25 -44.23 12.26
C VAL B 27 2.45 -45.12 12.07
N ALA B 28 2.22 -46.40 11.91
CA ALA B 28 3.29 -47.36 11.68
C ALA B 28 4.17 -46.81 10.56
N GLU B 29 5.49 -46.97 10.70
CA GLU B 29 6.43 -46.51 9.68
C GLU B 29 5.96 -47.23 8.48
N GLU B 30 5.89 -48.52 8.63
CA GLU B 30 5.43 -49.41 7.59
C GLU B 30 4.20 -48.81 6.90
N THR B 31 3.17 -48.61 7.70
CA THR B 31 1.92 -48.07 7.25
C THR B 31 2.13 -46.75 6.52
N ARG B 32 2.78 -45.83 7.22
CA ARG B 32 3.15 -44.52 6.70
C ARG B 32 3.70 -44.64 5.26
N ASN B 33 4.73 -45.44 5.13
CA ASN B 33 5.38 -45.62 3.85
C ASN B 33 4.42 -45.89 2.73
N ALA B 34 3.80 -47.06 2.79
CA ALA B 34 2.84 -47.49 1.79
C ALA B 34 1.94 -46.37 1.33
N VAL B 35 1.40 -45.62 2.30
CA VAL B 35 0.55 -44.52 1.94
C VAL B 35 1.28 -43.58 1.04
N TRP B 36 2.46 -43.16 1.46
CA TRP B 36 3.23 -42.26 0.63
C TRP B 36 3.43 -42.88 -0.71
N ALA B 37 3.80 -44.16 -0.66
CA ALA B 37 4.03 -44.97 -1.85
C ALA B 37 2.92 -44.75 -2.82
N ALA B 38 1.71 -45.03 -2.35
CA ALA B 38 0.54 -44.87 -3.16
C ALA B 38 0.38 -43.43 -3.53
N ILE B 39 0.55 -42.55 -2.53
CA ILE B 39 0.38 -41.13 -2.71
C ILE B 39 1.16 -40.71 -3.88
N LYS B 40 2.26 -41.37 -4.10
CA LYS B 40 3.04 -41.01 -5.23
C LYS B 40 2.60 -41.57 -6.56
N GLU B 41 2.45 -42.88 -6.65
CA GLU B 41 1.99 -43.46 -7.91
C GLU B 41 0.69 -42.83 -8.32
N LEU B 42 -0.24 -42.81 -7.41
CA LEU B 42 -1.52 -42.25 -7.71
C LEU B 42 -1.35 -40.80 -8.12
N HIS B 43 -0.19 -40.24 -7.80
CA HIS B 43 0.08 -38.88 -8.17
C HIS B 43 -0.99 -38.09 -7.50
N TYR B 44 -1.15 -38.28 -6.20
CA TYR B 44 -2.23 -37.62 -5.45
C TYR B 44 -2.02 -36.17 -5.00
N SER B 45 -3.10 -35.43 -5.01
CA SER B 45 -3.05 -34.06 -4.57
C SER B 45 -4.27 -33.72 -3.77
N PRO B 46 -4.10 -33.78 -2.48
CA PRO B 46 -5.15 -33.46 -1.53
C PRO B 46 -5.92 -32.20 -1.89
N SER B 47 -7.23 -32.31 -2.06
CA SER B 47 -8.07 -31.15 -2.38
C SER B 47 -8.26 -30.16 -1.21
N ALA B 48 -7.77 -28.96 -1.38
CA ALA B 48 -7.95 -27.99 -0.34
C ALA B 48 -9.38 -27.58 -0.24
N VAL B 49 -10.12 -27.68 -1.34
CA VAL B 49 -11.49 -27.18 -1.25
C VAL B 49 -12.29 -28.09 -0.37
N ALA B 50 -12.01 -29.37 -0.50
CA ALA B 50 -12.67 -30.35 0.29
C ALA B 50 -12.30 -30.05 1.72
N ARG B 51 -10.98 -30.01 1.97
CA ARG B 51 -10.51 -29.75 3.31
C ARG B 51 -11.05 -28.49 3.88
N SER B 52 -11.00 -27.44 3.10
CA SER B 52 -11.47 -26.16 3.55
C SER B 52 -12.90 -26.26 3.96
N LEU B 53 -13.59 -27.24 3.37
CA LEU B 53 -15.02 -27.44 3.67
C LEU B 53 -15.24 -27.92 5.08
N LYS B 54 -14.42 -28.88 5.51
CA LYS B 54 -14.51 -29.40 6.88
C LYS B 54 -13.89 -28.44 7.91
N VAL B 55 -12.60 -28.14 7.72
CA VAL B 55 -11.84 -27.29 8.65
C VAL B 55 -12.34 -25.85 8.82
N ASN B 56 -13.14 -25.39 7.87
CA ASN B 56 -13.72 -24.02 7.91
C ASN B 56 -12.82 -22.81 7.77
N HIS B 57 -11.77 -22.92 6.99
CA HIS B 57 -10.88 -21.81 6.77
C HIS B 57 -10.12 -22.17 5.53
N THR B 58 -10.09 -21.23 4.60
CA THR B 58 -9.48 -21.45 3.28
C THR B 58 -7.98 -21.25 3.24
N LYS B 59 -7.46 -20.50 4.21
CA LYS B 59 -6.06 -20.26 4.28
C LYS B 59 -5.63 -19.40 3.11
N SER B 60 -6.47 -18.41 2.81
CA SER B 60 -6.14 -17.45 1.75
C SER B 60 -6.69 -16.08 2.15
N ILE B 61 -6.02 -15.02 1.70
CA ILE B 61 -6.47 -13.69 2.03
C ILE B 61 -6.67 -12.91 0.76
N GLY B 62 -7.66 -12.03 0.77
CA GLY B 62 -7.98 -11.24 -0.40
C GLY B 62 -7.54 -9.82 -0.23
N LEU B 63 -6.87 -9.29 -1.25
CA LEU B 63 -6.38 -7.92 -1.30
C LEU B 63 -7.33 -7.10 -2.11
N LEU B 64 -8.19 -6.34 -1.45
CA LEU B 64 -9.13 -5.50 -2.20
C LEU B 64 -8.43 -4.19 -2.49
N ALA B 65 -7.65 -4.19 -3.55
CA ALA B 65 -6.88 -3.01 -3.92
C ALA B 65 -7.61 -2.00 -4.80
N THR B 66 -6.87 -1.00 -5.24
CA THR B 66 -7.40 0.03 -6.12
C THR B 66 -6.78 -0.21 -7.48
N SER B 67 -5.46 -0.28 -7.52
CA SER B 67 -4.72 -0.53 -8.74
C SER B 67 -3.51 -1.28 -8.29
N SER B 68 -2.79 -1.88 -9.20
CA SER B 68 -1.63 -2.63 -8.82
C SER B 68 -0.38 -2.34 -9.66
N GLU B 69 -0.49 -1.44 -10.65
CA GLU B 69 0.66 -1.11 -11.52
C GLU B 69 1.47 0.00 -10.95
N ALA B 70 0.81 1.05 -10.47
CA ALA B 70 1.51 2.19 -9.88
C ALA B 70 2.52 1.71 -8.90
N ALA B 71 3.75 2.10 -9.22
CA ALA B 71 4.92 1.79 -8.42
C ALA B 71 4.57 1.59 -6.91
N TYR B 72 4.01 2.63 -6.32
CA TYR B 72 3.64 2.65 -4.93
C TYR B 72 2.92 1.36 -4.60
N PHE B 73 1.70 1.27 -5.09
CA PHE B 73 0.84 0.09 -4.92
C PHE B 73 1.59 -1.18 -5.14
N ALA B 74 2.28 -1.22 -6.23
CA ALA B 74 3.03 -2.39 -6.58
C ALA B 74 3.96 -2.90 -5.47
N GLU B 75 4.76 -1.96 -4.91
CA GLU B 75 5.71 -2.31 -3.86
C GLU B 75 4.99 -2.94 -2.66
N ILE B 76 3.94 -2.28 -2.21
CA ILE B 76 3.18 -2.79 -1.10
C ILE B 76 2.76 -4.25 -1.36
N ILE B 77 2.02 -4.43 -2.43
CA ILE B 77 1.49 -5.70 -2.76
C ILE B 77 2.55 -6.78 -2.67
N GLU B 78 3.62 -6.56 -3.40
CA GLU B 78 4.70 -7.53 -3.41
C GLU B 78 5.12 -7.89 -1.98
N ALA B 79 5.06 -6.89 -1.11
CA ALA B 79 5.45 -7.04 0.31
C ALA B 79 4.48 -8.01 0.97
N VAL B 80 3.21 -7.56 1.03
CA VAL B 80 2.13 -8.32 1.57
C VAL B 80 2.25 -9.75 1.09
N GLU B 81 2.31 -9.94 -0.22
CA GLU B 81 2.43 -11.28 -0.79
C GLU B 81 3.56 -12.08 -0.15
N LYS B 82 4.72 -11.44 0.01
CA LYS B 82 5.91 -12.09 0.58
C LYS B 82 5.46 -12.71 1.88
N ASN B 83 4.78 -11.91 2.68
CA ASN B 83 4.26 -12.38 3.95
C ASN B 83 3.35 -13.59 3.83
N CYS B 84 2.30 -13.48 3.02
CA CYS B 84 1.37 -14.58 2.81
C CYS B 84 2.10 -15.84 2.49
N PHE B 85 3.08 -15.77 1.59
CA PHE B 85 3.80 -16.97 1.21
C PHE B 85 4.43 -17.68 2.36
N GLN B 86 5.20 -16.96 3.17
CA GLN B 86 5.87 -17.61 4.26
C GLN B 86 5.03 -18.07 5.42
N LYS B 87 3.80 -17.61 5.50
CA LYS B 87 2.91 -18.05 6.56
C LYS B 87 1.83 -18.93 6.00
N GLY B 88 2.12 -19.52 4.83
CA GLY B 88 1.18 -20.44 4.19
C GLY B 88 -0.06 -19.91 3.46
N TYR B 89 -0.36 -18.62 3.64
CA TYR B 89 -1.52 -18.02 2.97
C TYR B 89 -1.42 -17.82 1.42
N THR B 90 -2.59 -17.79 0.80
CA THR B 90 -2.73 -17.63 -0.64
C THR B 90 -3.29 -16.23 -0.88
N LEU B 91 -2.68 -15.49 -1.80
CA LEU B 91 -3.15 -14.13 -2.05
C LEU B 91 -4.11 -14.06 -3.20
N ILE B 92 -5.26 -13.42 -2.96
CA ILE B 92 -6.23 -13.23 -3.99
C ILE B 92 -6.24 -11.77 -4.16
N LEU B 93 -5.76 -11.32 -5.32
CA LEU B 93 -5.62 -9.90 -5.63
C LEU B 93 -6.76 -9.32 -6.45
N GLY B 94 -7.37 -8.25 -5.97
CA GLY B 94 -8.44 -7.63 -6.74
C GLY B 94 -8.33 -6.12 -6.78
N ASN B 95 -8.20 -5.55 -7.98
CA ASN B 95 -8.15 -4.07 -8.12
C ASN B 95 -9.55 -3.56 -8.38
N ALA B 96 -10.03 -2.61 -7.58
CA ALA B 96 -11.38 -2.08 -7.76
C ALA B 96 -11.50 -0.76 -8.51
N TRP B 97 -10.36 -0.19 -8.88
CA TRP B 97 -10.33 1.06 -9.62
C TRP B 97 -11.24 2.15 -9.12
N ASN B 98 -11.50 2.13 -7.83
CA ASN B 98 -12.35 3.14 -7.25
C ASN B 98 -13.73 3.10 -7.88
N ASN B 99 -14.12 1.92 -8.33
CA ASN B 99 -15.42 1.74 -8.91
C ASN B 99 -16.27 1.00 -7.90
N LEU B 100 -17.25 1.69 -7.33
CA LEU B 100 -18.13 1.06 -6.34
C LEU B 100 -18.65 -0.33 -6.75
N GLU B 101 -19.28 -0.41 -7.91
CA GLU B 101 -19.82 -1.67 -8.39
C GLU B 101 -18.72 -2.70 -8.37
N LYS B 102 -17.61 -2.33 -8.98
CA LYS B 102 -16.44 -3.18 -9.03
C LYS B 102 -16.10 -3.60 -7.61
N GLN B 103 -16.16 -2.67 -6.66
CA GLN B 103 -15.84 -3.02 -5.29
C GLN B 103 -16.83 -3.96 -4.64
N ARG B 104 -18.12 -3.61 -4.70
CA ARG B 104 -19.15 -4.50 -4.14
C ARG B 104 -18.95 -5.91 -4.76
N ALA B 105 -18.69 -5.92 -6.07
CA ALA B 105 -18.41 -7.14 -6.81
C ALA B 105 -17.32 -8.02 -6.19
N TYR B 106 -16.09 -7.51 -6.23
CA TYR B 106 -14.98 -8.24 -5.71
C TYR B 106 -15.23 -8.66 -4.30
N LEU B 107 -15.76 -7.73 -3.50
CA LEU B 107 -16.03 -8.00 -2.09
C LEU B 107 -16.81 -9.31 -1.95
N SER B 108 -17.98 -9.35 -2.56
CA SER B 108 -18.82 -10.53 -2.52
C SER B 108 -18.13 -11.76 -3.13
N MET B 109 -17.40 -11.57 -4.20
CA MET B 109 -16.70 -12.69 -4.77
C MET B 109 -15.83 -13.23 -3.63
N MET B 110 -15.13 -12.31 -2.98
CA MET B 110 -14.26 -12.69 -1.90
C MET B 110 -14.93 -13.44 -0.76
N ALA B 111 -16.02 -12.88 -0.25
CA ALA B 111 -16.79 -13.51 0.83
C ALA B 111 -17.12 -14.93 0.41
N GLN B 112 -17.65 -15.05 -0.79
CA GLN B 112 -17.99 -16.35 -1.33
C GLN B 112 -16.77 -17.27 -1.42
N LYS B 113 -15.65 -16.76 -1.89
CA LYS B 113 -14.49 -17.61 -1.92
C LYS B 113 -14.04 -17.85 -0.45
N ARG B 114 -14.76 -17.24 0.49
CA ARG B 114 -14.50 -17.48 1.89
C ARG B 114 -13.05 -17.19 2.28
N VAL B 115 -12.64 -15.96 2.11
CA VAL B 115 -11.28 -15.56 2.47
C VAL B 115 -11.05 -15.48 4.04
N ASP B 116 -9.96 -16.08 4.51
CA ASP B 116 -9.70 -16.07 5.94
C ASP B 116 -9.71 -14.64 6.52
N GLY B 117 -9.29 -13.68 5.68
CA GLY B 117 -9.24 -12.26 6.07
C GLY B 117 -9.17 -11.30 4.86
N LEU B 118 -9.33 -10.02 5.13
CA LEU B 118 -9.32 -9.06 4.07
C LEU B 118 -8.45 -7.84 4.26
N LEU B 119 -7.56 -7.62 3.30
CA LEU B 119 -6.70 -6.43 3.27
C LEU B 119 -7.41 -5.40 2.39
N VAL B 120 -7.46 -4.14 2.83
CA VAL B 120 -8.17 -3.11 2.07
C VAL B 120 -7.39 -1.86 1.72
N MET B 121 -7.22 -1.60 0.42
CA MET B 121 -6.52 -0.39 -0.05
C MET B 121 -7.33 0.28 -1.14
N CYS B 122 -8.40 0.93 -0.73
CA CYS B 122 -9.28 1.55 -1.70
C CYS B 122 -9.06 2.98 -2.12
N SER B 123 -8.09 3.67 -1.50
CA SER B 123 -7.81 5.06 -1.87
C SER B 123 -8.92 5.94 -1.36
N GLU B 124 -10.07 5.92 -2.00
CA GLU B 124 -11.17 6.75 -1.49
C GLU B 124 -12.28 5.98 -0.75
N TYR B 125 -12.71 6.54 0.38
CA TYR B 125 -13.73 5.91 1.23
C TYR B 125 -14.98 6.77 1.51
N PRO B 126 -15.94 6.73 0.59
CA PRO B 126 -17.22 7.45 0.78
C PRO B 126 -18.13 6.58 1.64
N GLU B 127 -19.16 7.19 2.22
CA GLU B 127 -20.09 6.43 3.04
C GLU B 127 -20.52 5.15 2.31
N PRO B 128 -21.01 5.29 1.08
CA PRO B 128 -21.43 4.14 0.28
C PRO B 128 -20.39 3.02 0.32
N LEU B 129 -19.12 3.37 0.30
CA LEU B 129 -18.10 2.32 0.36
C LEU B 129 -17.95 1.83 1.80
N LEU B 130 -18.00 2.76 2.73
CA LEU B 130 -17.86 2.38 4.11
C LEU B 130 -18.95 1.39 4.43
N ALA B 131 -20.16 1.74 4.03
CA ALA B 131 -21.32 0.91 4.27
C ALA B 131 -21.15 -0.56 3.82
N MET B 132 -20.85 -0.75 2.54
CA MET B 132 -20.67 -2.08 1.99
C MET B 132 -19.71 -2.80 2.88
N LEU B 133 -18.59 -2.12 3.10
CA LEU B 133 -17.53 -2.63 3.93
C LEU B 133 -18.09 -3.22 5.23
N GLU B 134 -18.83 -2.44 5.98
CA GLU B 134 -19.38 -2.92 7.24
C GLU B 134 -20.18 -4.21 7.12
N GLU B 135 -20.89 -4.39 6.02
CA GLU B 135 -21.68 -5.60 5.85
C GLU B 135 -20.80 -6.81 5.87
N TYR B 136 -19.51 -6.58 5.88
CA TYR B 136 -18.61 -7.71 5.95
C TYR B 136 -17.78 -7.77 7.23
N ARG B 137 -18.19 -6.99 8.26
CA ARG B 137 -17.47 -6.98 9.53
C ARG B 137 -17.17 -8.39 10.03
N HIS B 138 -18.05 -9.31 9.71
CA HIS B 138 -17.88 -10.67 10.12
C HIS B 138 -16.53 -11.21 9.69
N ILE B 139 -16.09 -10.82 8.51
CA ILE B 139 -14.82 -11.28 8.04
C ILE B 139 -13.70 -10.34 8.45
N PRO B 140 -12.78 -10.85 9.24
CA PRO B 140 -11.64 -10.08 9.72
C PRO B 140 -11.01 -9.25 8.61
N MET B 141 -10.79 -7.97 8.89
CA MET B 141 -10.15 -7.12 7.92
C MET B 141 -9.33 -5.94 8.43
N VAL B 142 -8.48 -5.42 7.58
CA VAL B 142 -7.70 -4.27 7.97
C VAL B 142 -7.50 -3.34 6.76
N VAL B 143 -7.71 -2.04 6.99
CA VAL B 143 -7.54 -1.06 5.94
C VAL B 143 -6.16 -0.36 6.11
N MET B 144 -5.32 -0.53 5.10
CA MET B 144 -3.96 -0.02 5.14
C MET B 144 -3.70 1.42 4.66
N ASP B 145 -4.75 2.15 4.29
CA ASP B 145 -4.55 3.51 3.78
C ASP B 145 -5.37 4.65 4.35
N TRP B 146 -5.73 4.57 5.63
CA TRP B 146 -6.47 5.67 6.25
C TRP B 146 -5.51 6.58 7.06
N GLY B 147 -5.92 7.81 7.31
CA GLY B 147 -5.09 8.73 8.07
C GLY B 147 -5.36 8.44 9.55
N GLU B 148 -6.64 8.35 9.87
CA GLU B 148 -7.09 8.07 11.23
C GLU B 148 -7.95 6.81 11.16
N ALA B 149 -8.68 6.52 12.22
CA ALA B 149 -9.54 5.34 12.23
C ALA B 149 -10.98 5.67 11.80
N LYS B 150 -11.19 5.60 10.49
CA LYS B 150 -12.48 5.88 9.90
C LYS B 150 -13.61 5.01 10.49
N ALA B 151 -13.30 3.76 10.85
CA ALA B 151 -14.33 2.85 11.39
C ALA B 151 -13.92 2.09 12.62
N ASP B 152 -14.93 1.55 13.30
CA ASP B 152 -14.72 0.78 14.50
C ASP B 152 -14.65 -0.71 14.27
N PHE B 153 -14.99 -1.13 13.06
CA PHE B 153 -14.99 -2.55 12.77
C PHE B 153 -13.73 -3.10 12.08
N THR B 154 -12.68 -2.28 11.96
CA THR B 154 -11.43 -2.74 11.31
C THR B 154 -10.18 -2.40 12.04
N ASP B 155 -9.11 -3.12 11.69
CA ASP B 155 -7.81 -2.79 12.22
C ASP B 155 -7.28 -1.79 11.22
N ALA B 156 -6.46 -0.88 11.69
CA ALA B 156 -5.94 0.14 10.81
C ALA B 156 -4.49 0.35 11.01
N VAL B 157 -3.83 0.70 9.93
CA VAL B 157 -2.44 0.99 10.02
C VAL B 157 -2.41 2.37 9.46
N ILE B 158 -1.79 3.27 10.21
CA ILE B 158 -1.70 4.67 9.83
C ILE B 158 -0.27 5.14 9.56
N ASP B 159 -0.08 5.72 8.37
CA ASP B 159 1.22 6.17 7.86
C ASP B 159 1.77 7.49 8.34
N ASN B 160 0.96 8.35 8.91
CA ASN B 160 1.47 9.64 9.40
C ASN B 160 1.82 10.53 8.25
N ALA B 161 1.01 10.48 7.22
CA ALA B 161 1.26 11.28 6.04
C ALA B 161 1.31 12.75 6.32
N PHE B 162 0.72 13.17 7.42
CA PHE B 162 0.69 14.58 7.78
C PHE B 162 2.06 15.00 8.29
N GLU B 163 2.64 14.22 9.17
CA GLU B 163 3.96 14.53 9.68
C GLU B 163 4.97 14.47 8.53
N GLY B 164 4.63 13.73 7.48
CA GLY B 164 5.50 13.60 6.33
C GLY B 164 5.44 14.89 5.52
N GLY B 165 4.22 15.43 5.35
CA GLY B 165 4.03 16.70 4.60
C GLY B 165 4.85 17.79 5.33
N TYR B 166 4.69 17.82 6.64
CA TYR B 166 5.38 18.75 7.50
C TYR B 166 6.90 18.66 7.34
N MET B 167 7.40 17.43 7.27
CA MET B 167 8.83 17.23 7.09
C MET B 167 9.28 17.85 5.76
N ALA B 168 8.62 17.47 4.69
CA ALA B 168 8.96 18.00 3.38
C ALA B 168 9.01 19.53 3.37
N GLY B 169 8.00 20.16 3.94
CA GLY B 169 7.94 21.62 3.98
C GLY B 169 9.18 22.18 4.71
N ARG B 170 9.34 21.76 5.97
CA ARG B 170 10.46 22.19 6.80
C ARG B 170 11.78 22.22 6.02
N TYR B 171 12.10 21.10 5.40
CA TYR B 171 13.32 20.96 4.61
C TYR B 171 13.49 22.14 3.69
N LEU B 172 12.48 22.37 2.85
CA LEU B 172 12.50 23.49 1.91
C LEU B 172 12.92 24.73 2.61
N ILE B 173 12.23 25.01 3.72
CA ILE B 173 12.47 26.19 4.51
C ILE B 173 13.88 26.34 4.97
N GLU B 174 14.36 25.32 5.62
CA GLU B 174 15.71 25.30 6.11
C GLU B 174 16.76 25.30 5.00
N ARG B 175 16.32 25.23 3.74
CA ARG B 175 17.26 25.24 2.66
C ARG B 175 17.36 26.59 2.08
N GLY B 176 16.47 27.48 2.53
CA GLY B 176 16.49 28.88 2.09
C GLY B 176 15.29 29.28 1.27
N HIS B 177 14.41 28.33 1.03
CA HIS B 177 13.23 28.60 0.21
C HIS B 177 12.08 29.28 0.94
N ARG B 178 11.42 30.21 0.25
CA ARG B 178 10.26 30.93 0.79
C ARG B 178 9.17 31.08 -0.31
N GLU B 179 9.57 30.84 -1.56
CA GLU B 179 8.64 30.88 -2.69
C GLU B 179 8.52 29.44 -3.15
N ILE B 180 7.45 28.78 -2.68
CA ILE B 180 7.26 27.37 -2.92
C ILE B 180 5.91 26.96 -3.41
N GLY B 181 5.88 26.11 -4.41
CA GLY B 181 4.63 25.63 -4.96
C GLY B 181 4.38 24.16 -4.61
N VAL B 182 3.18 23.70 -4.88
CA VAL B 182 2.87 22.32 -4.56
C VAL B 182 1.87 21.63 -5.51
N ILE B 183 2.15 20.38 -5.77
CA ILE B 183 1.25 19.58 -6.58
C ILE B 183 0.84 18.43 -5.70
N PRO B 184 -0.33 18.56 -5.12
CA PRO B 184 -0.86 17.54 -4.22
C PRO B 184 -1.59 16.50 -5.02
N GLY B 185 -1.95 15.41 -4.37
CA GLY B 185 -2.69 14.35 -4.99
C GLY B 185 -4.10 14.50 -4.53
N PRO B 186 -5.00 13.77 -5.17
CA PRO B 186 -6.46 13.77 -4.87
C PRO B 186 -6.77 14.04 -3.39
N LEU B 187 -7.44 15.15 -3.12
CA LEU B 187 -7.77 15.53 -1.74
C LEU B 187 -8.73 14.60 -1.03
N GLU B 188 -9.23 13.60 -1.73
CA GLU B 188 -10.13 12.66 -1.11
C GLU B 188 -9.32 11.55 -0.52
N GLN B 189 -8.07 11.43 -0.93
CA GLN B 189 -7.22 10.41 -0.39
C GLN B 189 -6.41 10.96 0.78
N ASN B 190 -6.03 10.04 1.66
CA ASN B 190 -5.23 10.38 2.80
C ASN B 190 -3.86 10.95 2.33
N THR B 191 -3.15 10.17 1.50
CA THR B 191 -1.85 10.56 0.95
C THR B 191 -1.99 11.85 0.17
N GLY B 192 -3.23 12.27 -0.04
CA GLY B 192 -3.48 13.51 -0.74
C GLY B 192 -3.65 14.63 0.29
N ALA B 193 -4.86 14.73 0.83
CA ALA B 193 -5.15 15.74 1.83
C ALA B 193 -4.14 15.75 2.96
N GLY B 194 -3.86 14.57 3.48
CA GLY B 194 -2.93 14.44 4.59
C GLY B 194 -1.59 15.07 4.36
N ARG B 195 -0.84 14.56 3.40
CA ARG B 195 0.48 15.07 3.11
C ARG B 195 0.46 16.62 2.93
N LEU B 196 -0.49 17.10 2.14
CA LEU B 196 -0.65 18.53 1.87
C LEU B 196 -0.80 19.36 3.08
N ALA B 197 -1.68 18.91 3.95
CA ALA B 197 -1.96 19.63 5.15
C ALA B 197 -0.70 19.75 5.94
N GLY B 198 -0.03 18.61 6.17
CA GLY B 198 1.21 18.58 6.93
C GLY B 198 2.16 19.66 6.42
N PHE B 199 2.27 19.71 5.10
CA PHE B 199 3.09 20.70 4.40
C PHE B 199 2.53 22.10 4.62
N MET B 200 1.24 22.21 4.59
CA MET B 200 0.69 23.50 4.75
C MET B 200 0.98 24.11 6.15
N LYS B 201 1.01 23.27 7.20
CA LYS B 201 1.26 23.75 8.57
C LYS B 201 2.63 24.37 8.68
N ALA B 202 3.59 23.65 8.14
CA ALA B 202 4.95 24.16 8.16
C ALA B 202 5.00 25.64 7.61
N MET B 203 4.27 25.88 6.51
CA MET B 203 4.22 27.20 5.86
C MET B 203 3.65 28.25 6.80
N GLU B 204 2.53 27.93 7.44
CA GLU B 204 1.90 28.86 8.35
C GLU B 204 2.85 29.16 9.49
N GLU B 205 3.55 28.15 9.92
CA GLU B 205 4.47 28.36 10.98
C GLU B 205 5.50 29.33 10.50
N ALA B 206 5.80 29.30 9.21
CA ALA B 206 6.82 30.19 8.65
C ALA B 206 6.25 31.45 8.09
N MET B 207 4.94 31.61 8.20
CA MET B 207 4.34 32.79 7.65
C MET B 207 4.61 32.87 6.15
N ILE B 208 4.64 31.69 5.51
CA ILE B 208 4.79 31.59 4.09
C ILE B 208 3.39 31.31 3.58
N LYS B 209 2.98 32.09 2.60
CA LYS B 209 1.67 31.95 2.02
C LYS B 209 1.87 31.35 0.67
N VAL B 210 1.04 30.40 0.31
CA VAL B 210 1.17 29.82 -0.99
C VAL B 210 0.03 30.30 -1.86
N PRO B 211 0.38 31.06 -2.88
CA PRO B 211 -0.60 31.61 -3.83
C PRO B 211 -1.28 30.46 -4.61
N GLU B 212 -2.61 30.50 -4.71
CA GLU B 212 -3.37 29.44 -5.38
C GLU B 212 -2.84 29.04 -6.75
N SER B 213 -2.20 29.98 -7.42
CA SER B 213 -1.68 29.72 -8.76
C SER B 213 -0.47 28.84 -8.65
N TRP B 214 -0.10 28.49 -7.43
CA TRP B 214 1.08 27.70 -7.23
C TRP B 214 0.80 26.35 -6.67
N ILE B 215 -0.47 26.02 -6.61
CA ILE B 215 -0.83 24.70 -6.15
C ILE B 215 -1.68 24.03 -7.25
N VAL B 216 -1.25 22.88 -7.69
CA VAL B 216 -1.98 22.23 -8.72
C VAL B 216 -2.14 20.80 -8.40
N GLN B 217 -3.38 20.39 -8.48
CA GLN B 217 -3.76 19.05 -8.18
C GLN B 217 -3.14 18.09 -9.14
N GLY B 218 -2.88 16.88 -8.67
CA GLY B 218 -2.35 15.81 -9.51
C GLY B 218 -3.19 14.61 -9.15
N ASP B 219 -2.92 13.48 -9.77
CA ASP B 219 -3.69 12.27 -9.51
C ASP B 219 -2.75 11.12 -9.22
N PHE B 220 -1.46 11.45 -9.13
CA PHE B 220 -0.39 10.48 -8.87
C PHE B 220 0.22 9.88 -10.09
N GLU B 221 -0.32 10.18 -11.25
CA GLU B 221 0.23 9.62 -12.49
C GLU B 221 1.15 10.63 -13.11
N PRO B 222 2.26 10.12 -13.64
CA PRO B 222 3.30 10.95 -14.27
C PRO B 222 2.73 12.09 -15.07
N GLU B 223 1.70 11.81 -15.86
CA GLU B 223 1.12 12.86 -16.64
C GLU B 223 0.61 14.03 -15.79
N SER B 224 -0.11 13.73 -14.69
CA SER B 224 -0.63 14.84 -13.84
C SER B 224 0.45 15.80 -13.42
N GLY B 225 1.64 15.23 -13.12
CA GLY B 225 2.79 16.01 -12.70
C GLY B 225 3.30 16.91 -13.80
N TYR B 226 3.46 16.32 -14.98
CA TYR B 226 3.89 17.05 -16.15
C TYR B 226 3.03 18.33 -16.26
N ARG B 227 1.73 18.18 -16.45
CA ARG B 227 0.83 19.33 -16.56
C ARG B 227 1.01 20.40 -15.45
N ALA B 228 0.95 19.98 -14.21
CA ALA B 228 1.09 20.87 -13.09
C ALA B 228 2.39 21.63 -13.15
N MET B 229 3.49 20.89 -13.18
CA MET B 229 4.82 21.49 -13.20
C MET B 229 4.82 22.55 -14.23
N GLN B 230 4.33 22.21 -15.40
CA GLN B 230 4.22 23.14 -16.51
C GLN B 230 3.48 24.32 -16.07
N GLN B 231 2.21 24.14 -15.77
CA GLN B 231 1.35 25.20 -15.33
C GLN B 231 2.04 26.16 -14.35
N ILE B 232 2.75 25.60 -13.38
CA ILE B 232 3.45 26.42 -12.37
C ILE B 232 4.57 27.30 -12.99
N LEU B 233 5.58 26.66 -13.54
CA LEU B 233 6.68 27.35 -14.19
C LEU B 233 6.20 28.12 -15.43
N SER B 234 4.99 27.88 -15.86
CA SER B 234 4.48 28.53 -17.05
C SER B 234 3.89 29.87 -16.74
N GLN B 235 4.25 30.44 -15.59
CA GLN B 235 3.69 31.73 -15.22
C GLN B 235 4.65 32.91 -14.97
N PRO B 236 4.13 34.15 -14.99
CA PRO B 236 4.95 35.35 -14.85
C PRO B 236 5.88 35.22 -13.66
N HIS B 237 5.27 34.86 -12.53
CA HIS B 237 5.96 34.64 -11.27
C HIS B 237 5.92 33.14 -10.91
N ARG B 238 7.07 32.58 -10.56
CA ARG B 238 7.11 31.17 -10.23
C ARG B 238 7.95 30.87 -9.00
N PRO B 239 7.58 29.81 -8.28
CA PRO B 239 8.28 29.43 -7.07
C PRO B 239 9.72 29.02 -7.38
N THR B 240 10.52 28.93 -6.33
CA THR B 240 11.91 28.57 -6.46
C THR B 240 12.03 27.16 -5.94
N ALA B 241 10.90 26.60 -5.52
CA ALA B 241 10.92 25.24 -5.02
C ALA B 241 9.56 24.61 -5.07
N VAL B 242 9.51 23.33 -5.40
CA VAL B 242 8.23 22.65 -5.48
C VAL B 242 8.09 21.34 -4.73
N PHE B 243 6.94 21.22 -4.07
CA PHE B 243 6.68 20.03 -3.34
C PHE B 243 5.66 19.20 -4.09
N CYS B 244 6.11 18.01 -4.47
CA CYS B 244 5.32 17.06 -5.23
C CYS B 244 4.80 15.86 -4.41
N GLY B 245 3.49 15.76 -4.29
CA GLY B 245 2.82 14.73 -3.50
C GLY B 245 3.15 13.25 -3.71
N GLY B 246 3.81 12.92 -4.81
CA GLY B 246 4.17 11.51 -5.12
C GLY B 246 5.40 11.43 -6.07
N ASP B 247 6.19 10.38 -5.94
CA ASP B 247 7.37 10.24 -6.76
C ASP B 247 7.12 10.19 -8.28
N ILE B 248 6.24 9.30 -8.71
CA ILE B 248 5.91 9.20 -10.13
C ILE B 248 5.52 10.58 -10.72
N MET B 249 4.50 11.22 -10.15
CA MET B 249 4.11 12.58 -10.58
C MET B 249 5.38 13.48 -10.64
N ALA B 250 6.24 13.33 -9.66
CA ALA B 250 7.43 14.16 -9.62
C ALA B 250 8.24 13.87 -10.82
N MET B 251 8.34 12.59 -11.10
CA MET B 251 9.11 12.17 -12.22
C MET B 251 8.52 12.89 -13.41
N GLY B 252 7.22 13.12 -13.34
CA GLY B 252 6.55 13.81 -14.41
C GLY B 252 6.90 15.26 -14.42
N ALA B 253 7.07 15.83 -13.23
CA ALA B 253 7.37 17.22 -13.13
C ALA B 253 8.82 17.48 -13.49
N LEU B 254 9.63 16.44 -13.43
CA LEU B 254 11.03 16.60 -13.80
C LEU B 254 11.12 16.75 -15.32
N CYS B 255 10.54 15.78 -16.03
CA CYS B 255 10.51 15.75 -17.49
C CYS B 255 10.10 17.11 -18.08
N ALA B 256 8.97 17.62 -17.63
CA ALA B 256 8.44 18.90 -18.11
C ALA B 256 9.40 20.07 -17.96
N ALA B 257 10.06 20.17 -16.79
CA ALA B 257 11.01 21.27 -16.55
C ALA B 257 12.10 21.15 -17.59
N ASP B 258 12.67 19.96 -17.69
CA ASP B 258 13.72 19.70 -18.69
C ASP B 258 13.24 20.14 -20.06
N GLU B 259 11.98 19.88 -20.35
CA GLU B 259 11.43 20.22 -21.63
C GLU B 259 11.24 21.71 -21.82
N MET B 260 10.92 22.41 -20.74
CA MET B 260 10.82 23.87 -20.79
C MET B 260 12.25 24.35 -20.58
N GLY B 261 13.19 23.44 -20.76
CA GLY B 261 14.58 23.77 -20.60
C GLY B 261 14.94 24.37 -19.25
N LEU B 262 14.25 23.96 -18.17
CA LEU B 262 14.56 24.42 -16.82
C LEU B 262 15.48 23.45 -16.24
N ARG B 263 16.32 23.93 -15.35
CA ARG B 263 17.29 23.10 -14.72
C ARG B 263 16.91 22.67 -13.30
N VAL B 264 17.07 21.40 -13.00
CA VAL B 264 16.77 20.95 -11.66
C VAL B 264 18.03 20.30 -11.13
N PRO B 265 18.45 20.73 -9.92
CA PRO B 265 17.70 21.68 -9.10
C PRO B 265 18.10 23.11 -9.27
N GLN B 266 19.16 23.34 -10.01
CA GLN B 266 19.66 24.71 -10.20
C GLN B 266 18.58 25.77 -10.50
N ASP B 267 17.61 25.43 -11.33
CA ASP B 267 16.51 26.36 -11.67
C ASP B 267 15.33 26.21 -10.71
N VAL B 268 14.94 24.96 -10.44
CA VAL B 268 13.84 24.65 -9.54
C VAL B 268 14.30 23.52 -8.66
N SER B 269 13.85 23.52 -7.42
CA SER B 269 14.18 22.46 -6.50
C SER B 269 12.90 21.61 -6.43
N LEU B 270 13.07 20.31 -6.33
CA LEU B 270 11.91 19.46 -6.27
C LEU B 270 12.03 18.45 -5.16
N ILE B 271 11.03 18.38 -4.29
CA ILE B 271 11.03 17.32 -3.31
C ILE B 271 9.76 16.52 -3.55
N GLY B 272 9.89 15.20 -3.60
CA GLY B 272 8.74 14.36 -3.85
C GLY B 272 8.24 13.65 -2.59
N TYR B 273 7.58 12.53 -2.79
CA TYR B 273 7.06 11.79 -1.68
C TYR B 273 6.72 10.36 -2.04
N ASP B 274 7.30 9.42 -1.29
CA ASP B 274 7.10 7.95 -1.38
C ASP B 274 8.42 7.22 -1.32
N ASN B 275 9.38 7.73 -2.02
CA ASN B 275 10.67 7.07 -2.13
C ASN B 275 10.43 5.69 -2.70
N VAL B 276 10.01 5.67 -3.94
CA VAL B 276 9.73 4.44 -4.64
C VAL B 276 11.03 3.82 -5.04
N ARG B 277 11.07 2.49 -5.08
CA ARG B 277 12.28 1.72 -5.41
C ARG B 277 13.24 2.35 -6.37
N ASN B 278 12.74 3.07 -7.37
CA ASN B 278 13.66 3.70 -8.27
C ASN B 278 13.71 5.19 -8.44
N ALA B 279 13.26 5.93 -7.41
CA ALA B 279 13.35 7.38 -7.44
C ALA B 279 14.87 7.74 -7.46
N ARG B 280 15.67 6.90 -6.81
CA ARG B 280 17.11 7.11 -6.77
C ARG B 280 17.67 7.24 -8.17
N TYR B 281 17.08 6.54 -9.12
CA TYR B 281 17.57 6.62 -10.46
C TYR B 281 16.87 7.66 -11.35
N PHE B 282 16.09 8.54 -10.72
CA PHE B 282 15.51 9.62 -11.44
C PHE B 282 16.71 10.51 -11.80
N THR B 283 16.49 11.44 -12.72
CA THR B 283 17.53 12.33 -13.19
C THR B 283 16.97 13.69 -12.98
N PRO B 284 17.42 14.36 -11.95
CA PRO B 284 18.46 13.85 -11.08
C PRO B 284 17.88 12.97 -10.00
N ALA B 285 18.77 12.32 -9.24
CA ALA B 285 18.34 11.44 -8.14
C ALA B 285 17.43 12.19 -7.19
N LEU B 286 16.17 11.77 -7.15
CA LEU B 286 15.15 12.40 -6.32
C LEU B 286 15.34 12.53 -4.79
N THR B 287 15.21 13.74 -4.27
CA THR B 287 15.24 13.96 -2.84
C THR B 287 13.77 13.82 -2.43
N THR B 288 13.45 12.90 -1.55
CA THR B 288 12.05 12.69 -1.20
C THR B 288 11.82 12.18 0.22
N ILE B 289 10.55 12.06 0.60
CA ILE B 289 10.19 11.50 1.89
C ILE B 289 9.90 10.00 1.62
N HIS B 290 10.43 9.16 2.47
CA HIS B 290 10.24 7.76 2.30
C HIS B 290 9.17 7.22 3.21
N GLN B 291 8.29 6.41 2.60
CA GLN B 291 7.21 5.72 3.29
C GLN B 291 7.69 4.31 3.39
N PRO B 292 7.49 3.72 4.54
CA PRO B 292 7.95 2.38 4.75
C PRO B 292 6.87 1.48 4.20
N LYS B 293 6.99 1.16 2.94
CA LYS B 293 5.98 0.34 2.33
C LYS B 293 6.00 -1.14 2.78
N ASP B 294 7.19 -1.75 2.87
CA ASP B 294 7.34 -3.16 3.34
C ASP B 294 6.68 -3.35 4.71
N SER B 295 7.24 -2.69 5.71
CA SER B 295 6.71 -2.70 7.06
C SER B 295 5.23 -2.44 7.02
N LEU B 296 4.80 -1.53 6.15
CA LEU B 296 3.37 -1.25 6.03
C LEU B 296 2.62 -2.55 5.74
N GLY B 297 3.07 -3.26 4.72
CA GLY B 297 2.43 -4.50 4.35
C GLY B 297 2.53 -5.52 5.47
N GLU B 298 3.75 -5.72 5.94
CA GLU B 298 4.03 -6.67 6.99
C GLU B 298 3.16 -6.43 8.19
N THR B 299 3.09 -5.18 8.59
CA THR B 299 2.31 -4.82 9.73
C THR B 299 0.82 -5.08 9.49
N ALA B 300 0.36 -4.94 8.24
CA ALA B 300 -1.07 -5.20 7.94
C ALA B 300 -1.37 -6.68 7.99
N PHE B 301 -0.54 -7.47 7.31
CA PHE B 301 -0.71 -8.92 7.26
C PHE B 301 -0.58 -9.48 8.63
N ASN B 302 0.13 -8.75 9.48
CA ASN B 302 0.33 -9.22 10.82
C ASN B 302 -0.89 -9.00 11.72
N MET B 303 -1.37 -7.78 11.81
CA MET B 303 -2.56 -7.51 12.60
C MET B 303 -3.67 -8.49 12.15
N LEU B 304 -3.74 -8.69 10.84
CA LEU B 304 -4.75 -9.56 10.29
C LEU B 304 -4.59 -10.98 10.73
N LEU B 305 -3.38 -11.47 10.73
CA LEU B 305 -3.20 -12.82 11.14
C LEU B 305 -3.63 -12.95 12.61
N ASP B 306 -3.25 -11.98 13.42
CA ASP B 306 -3.60 -11.94 14.83
C ASP B 306 -5.09 -12.14 14.97
N ARG B 307 -5.86 -11.24 14.37
CA ARG B 307 -7.32 -11.33 14.42
C ARG B 307 -7.74 -12.75 14.04
N ILE B 308 -7.21 -13.20 12.91
CA ILE B 308 -7.52 -14.50 12.40
C ILE B 308 -7.24 -15.53 13.44
N VAL B 309 -5.98 -15.86 13.63
CA VAL B 309 -5.66 -16.88 14.60
C VAL B 309 -6.12 -16.61 16.01
N ASN B 310 -5.56 -15.59 16.66
CA ASN B 310 -5.98 -15.28 18.03
C ASN B 310 -7.38 -14.69 18.17
N LYS B 311 -8.26 -15.04 17.23
CA LYS B 311 -9.65 -14.56 17.17
C LYS B 311 -9.98 -13.21 17.85
N ARG B 312 -9.10 -12.22 17.70
CA ARG B 312 -9.32 -10.89 18.30
C ARG B 312 -10.60 -10.26 17.79
N GLU B 313 -11.18 -9.41 18.61
CA GLU B 313 -12.43 -8.80 18.30
C GLU B 313 -12.32 -7.31 18.22
N GLU B 314 -11.51 -6.77 19.10
CA GLU B 314 -11.32 -5.34 19.20
C GLU B 314 -10.41 -4.75 18.14
N PRO B 315 -10.91 -3.73 17.47
CA PRO B 315 -10.18 -3.05 16.45
C PRO B 315 -8.80 -2.61 16.96
N GLN B 316 -7.85 -2.55 16.06
CA GLN B 316 -6.55 -2.12 16.41
C GLN B 316 -6.14 -1.07 15.43
N SER B 317 -4.98 -0.49 15.67
CA SER B 317 -4.49 0.57 14.81
C SER B 317 -2.99 0.79 15.07
N ILE B 318 -2.19 0.73 14.03
CA ILE B 318 -0.79 0.89 14.21
C ILE B 318 -0.14 1.89 13.31
N GLU B 319 0.54 2.85 13.93
CA GLU B 319 1.26 3.89 13.21
C GLU B 319 2.55 3.39 12.57
N VAL B 320 2.92 4.06 11.49
CA VAL B 320 4.16 3.76 10.85
C VAL B 320 4.76 5.14 10.55
N HIS B 321 6.07 5.26 10.41
CA HIS B 321 6.65 6.59 10.21
C HIS B 321 7.46 6.90 8.98
N PRO B 322 7.14 8.03 8.36
CA PRO B 322 7.86 8.47 7.17
C PRO B 322 9.16 9.12 7.57
N ARG B 323 10.06 9.30 6.61
CA ARG B 323 11.32 9.95 6.92
C ARG B 323 12.00 10.50 5.67
N LEU B 324 12.72 11.61 5.87
CA LEU B 324 13.36 12.29 4.77
C LEU B 324 14.54 11.57 4.27
N ILE B 325 14.69 11.58 2.93
CA ILE B 325 15.78 10.95 2.19
C ILE B 325 16.40 11.98 1.31
N GLU B 326 17.57 12.47 1.70
CA GLU B 326 18.23 13.50 0.94
C GLU B 326 18.89 13.05 -0.35
N ARG B 327 18.47 13.59 -1.47
CA ARG B 327 19.12 13.23 -2.72
C ARG B 327 19.75 14.41 -3.52
N ARG B 328 19.41 14.61 -4.78
CA ARG B 328 20.08 15.68 -5.50
C ARG B 328 19.19 16.66 -6.14
N SER B 329 17.91 16.55 -5.88
CA SER B 329 16.94 17.41 -6.50
C SER B 329 16.66 18.71 -5.78
N VAL B 330 17.40 18.97 -4.73
CA VAL B 330 17.10 20.20 -4.05
C VAL B 330 18.36 20.94 -3.87
N ALA B 331 18.25 22.25 -3.74
CA ALA B 331 19.40 23.08 -3.58
C ALA B 331 19.04 24.25 -2.73
N ASP B 332 20.04 24.80 -2.05
CA ASP B 332 19.82 25.95 -1.20
C ASP B 332 19.07 27.06 -1.90
N GLY B 333 18.08 27.63 -1.22
CA GLY B 333 17.29 28.76 -1.70
C GLY B 333 17.93 30.11 -1.25
N PRO B 334 17.36 31.21 -1.73
CA PRO B 334 17.84 32.54 -1.43
C PRO B 334 18.03 32.94 0.06
N PHE B 335 17.28 32.36 0.99
CA PHE B 335 17.47 32.74 2.38
C PHE B 335 18.32 31.83 3.25
N ARG B 336 18.98 30.82 2.67
CA ARG B 336 19.77 29.89 3.47
C ARG B 336 20.65 30.59 4.52
N ASP B 337 21.51 31.48 4.05
CA ASP B 337 22.46 32.20 4.88
C ASP B 337 21.90 33.18 5.85
N TYR B 338 20.65 33.55 5.69
CA TYR B 338 20.01 34.54 6.60
C TYR B 338 19.21 33.90 7.73
N ARG B 339 19.75 32.91 8.43
CA ARG B 339 18.93 32.26 9.45
C ARG B 339 19.67 31.91 10.71
#